data_7LW0
#
_entry.id   7LW0
#
_cell.length_a   41.748
_cell.length_b   42.772
_cell.length_c   57.222
_cell.angle_alpha   89.980
_cell.angle_beta   89.980
_cell.angle_gamma   89.880
#
_symmetry.space_group_name_H-M   'P 1'
#
_entity_poly.entity_id   1
_entity_poly.type   'polypeptide(L)'
_entity_poly.pdbx_seq_one_letter_code
;MEVNKKQLADIFGASIRTIQNWQEQGMPVLRGGGKGNEVLYDSAAVIKWYAERDAC
;
_entity_poly.pdbx_strand_id   A,B,C,D,E,F,G,H
#
# COMPACT_ATOMS: atom_id res chain seq x y z
N MET A 1 -13.83 24.37 12.28
CA MET A 1 -14.62 25.22 13.18
C MET A 1 -15.74 24.44 13.88
N GLU A 2 -16.22 25.03 14.96
CA GLU A 2 -17.36 24.57 15.76
C GLU A 2 -18.63 25.06 15.07
N VAL A 3 -19.42 24.11 14.59
CA VAL A 3 -20.63 24.36 13.80
C VAL A 3 -21.71 23.39 14.28
N ASN A 4 -22.96 23.70 13.96
CA ASN A 4 -24.11 22.83 14.30
C ASN A 4 -24.35 21.93 13.09
N LYS A 5 -25.27 20.98 13.27
CA LYS A 5 -25.61 19.97 12.25
C LYS A 5 -25.95 20.62 10.91
N LYS A 6 -26.75 21.68 10.94
CA LYS A 6 -27.18 22.38 9.70
C LYS A 6 -25.98 22.99 8.97
N GLN A 7 -25.07 23.60 9.71
CA GLN A 7 -23.86 24.25 9.17
C GLN A 7 -22.92 23.21 8.54
N LEU A 8 -22.72 22.09 9.23
CA LEU A 8 -21.84 21.01 8.76
C LEU A 8 -22.37 20.48 7.44
N ALA A 9 -23.67 20.21 7.36
CA ALA A 9 -24.32 19.75 6.14
C ALA A 9 -24.08 20.74 4.99
N ASP A 10 -24.19 22.03 5.27
CA ASP A 10 -24.01 23.09 4.27
C ASP A 10 -22.55 23.07 3.77
N ILE A 11 -21.61 22.91 4.70
CA ILE A 11 -20.15 22.89 4.45
C ILE A 11 -19.82 21.72 3.50
N PHE A 12 -20.45 20.57 3.72
CA PHE A 12 -20.24 19.34 2.93
C PHE A 12 -21.07 19.32 1.66
N GLY A 13 -22.01 20.23 1.54
CA GLY A 13 -22.99 20.17 0.45
C GLY A 13 -23.85 18.93 0.58
N ALA A 14 -24.31 18.64 1.79
CA ALA A 14 -25.01 17.39 2.12
C ALA A 14 -26.31 17.69 2.86
N SER A 15 -27.17 16.67 2.88
CA SER A 15 -28.42 16.62 3.66
C SER A 15 -28.11 16.43 5.15
N ILE A 16 -28.96 16.99 6.00
CA ILE A 16 -28.86 16.80 7.48
C ILE A 16 -28.95 15.31 7.81
N ARG A 17 -29.72 14.59 7.03
CA ARG A 17 -29.91 13.15 7.23
C ARG A 17 -28.59 12.40 7.02
N THR A 18 -27.81 12.79 6.02
CA THR A 18 -26.49 12.21 5.78
C THR A 18 -25.63 12.41 7.00
N ILE A 19 -25.67 13.61 7.57
CA ILE A 19 -24.86 13.91 8.78
C ILE A 19 -25.26 12.98 9.91
N GLN A 20 -26.56 12.78 10.09
CA GLN A 20 -27.08 11.87 11.14
C GLN A 20 -26.54 10.45 10.86
N ASN A 21 -26.60 10.02 9.63
CA ASN A 21 -26.17 8.67 9.22
C ASN A 21 -24.66 8.51 9.43
N TRP A 22 -23.86 9.53 9.16
CA TRP A 22 -22.41 9.50 9.41
C TRP A 22 -22.13 9.38 10.91
N GLN A 23 -22.90 10.09 11.70
CA GLN A 23 -22.90 10.05 13.18
C GLN A 23 -23.12 8.61 13.65
N GLU A 24 -24.07 7.88 13.07
CA GLU A 24 -24.33 6.45 13.40
C GLU A 24 -23.12 5.58 13.02
N GLN A 25 -22.35 6.00 12.02
CA GLN A 25 -21.19 5.24 11.49
C GLN A 25 -19.89 5.54 12.24
N GLY A 26 -19.89 6.43 13.21
CA GLY A 26 -18.74 6.70 14.08
C GLY A 26 -18.07 8.04 13.84
N MET A 27 -18.75 8.93 13.12
CA MET A 27 -18.21 10.28 12.81
C MET A 27 -18.05 11.05 14.12
N PRO A 28 -16.89 11.70 14.33
CA PRO A 28 -16.62 12.45 15.55
C PRO A 28 -17.62 13.59 15.83
N VAL A 29 -17.98 13.70 17.10
CA VAL A 29 -18.79 14.82 17.64
C VAL A 29 -17.95 15.60 18.66
N LEU A 30 -18.00 16.93 18.60
CA LEU A 30 -17.33 17.79 19.63
C LEU A 30 -18.28 17.92 20.82
N ARG A 31 -18.68 19.11 21.19
CA ARG A 31 -19.65 19.40 22.27
C ARG A 31 -21.00 18.76 21.90
N GLY A 32 -21.28 17.58 22.45
CA GLY A 32 -22.54 16.81 22.28
C GLY A 32 -23.55 17.14 23.35
N GLY A 33 -23.10 17.40 24.57
CA GLY A 33 -23.94 17.63 25.76
C GLY A 33 -24.95 16.51 25.98
N GLY A 34 -26.05 16.81 26.70
CA GLY A 34 -27.16 15.87 26.92
C GLY A 34 -28.44 16.32 26.25
N LYS A 35 -29.39 16.83 27.05
CA LYS A 35 -30.69 17.36 26.57
C LYS A 35 -30.87 18.80 27.06
N GLY A 36 -31.38 19.67 26.20
CA GLY A 36 -31.18 21.11 26.32
C GLY A 36 -29.83 21.46 25.75
N ASN A 37 -29.27 20.51 25.00
CA ASN A 37 -27.96 20.68 24.34
C ASN A 37 -28.10 20.18 22.90
N GLU A 38 -27.85 21.08 21.96
CA GLU A 38 -27.75 20.70 20.54
C GLU A 38 -26.31 20.28 20.33
N VAL A 39 -26.11 19.47 19.31
CA VAL A 39 -24.81 18.80 19.03
C VAL A 39 -23.94 19.82 18.30
N LEU A 40 -22.70 20.01 18.77
CA LEU A 40 -21.67 20.78 18.04
C LEU A 40 -20.69 19.80 17.38
N TYR A 41 -20.18 20.21 16.23
CA TYR A 41 -19.14 19.45 15.50
C TYR A 41 -17.94 20.33 15.18
N ASP A 42 -16.81 19.62 15.11
CA ASP A 42 -15.51 20.11 14.65
C ASP A 42 -15.42 19.74 13.16
N SER A 43 -15.76 20.69 12.30
CA SER A 43 -15.75 20.58 10.83
C SER A 43 -14.42 19.98 10.37
N ALA A 44 -13.32 20.43 10.97
CA ALA A 44 -11.96 19.95 10.66
C ALA A 44 -11.84 18.47 11.00
N ALA A 45 -12.42 18.02 12.08
CA ALA A 45 -12.30 16.61 12.47
C ALA A 45 -13.23 15.75 11.60
N VAL A 46 -14.38 16.28 11.21
CA VAL A 46 -15.32 15.55 10.33
C VAL A 46 -14.72 15.37 8.94
N ILE A 47 -14.08 16.38 8.42
CA ILE A 47 -13.38 16.33 7.11
C ILE A 47 -12.32 15.24 7.14
N LYS A 48 -11.46 15.24 8.14
CA LYS A 48 -10.40 14.24 8.33
C LYS A 48 -11.03 12.86 8.32
N TRP A 49 -12.08 12.65 9.12
CA TRP A 49 -12.85 11.39 9.18
C TRP A 49 -13.40 11.01 7.79
N TYR A 50 -13.89 11.96 7.03
CA TYR A 50 -14.46 11.72 5.68
C TYR A 50 -13.42 11.18 4.70
N ALA A 51 -12.29 11.85 4.63
CA ALA A 51 -11.19 11.57 3.70
C ALA A 51 -10.59 10.21 4.03
N GLU A 52 -10.39 9.89 5.29
CA GLU A 52 -9.76 8.59 5.67
C GLU A 52 -10.73 7.42 5.45
N ARG A 53 -12.01 7.71 5.21
CA ARG A 53 -13.07 6.68 5.00
C ARG A 53 -12.89 5.90 3.70
N ASP A 54 -12.52 6.54 2.59
CA ASP A 54 -12.23 5.82 1.32
C ASP A 54 -10.79 6.08 0.87
N ALA A 55 -9.96 6.66 1.74
CA ALA A 55 -8.50 6.78 1.52
C ALA A 55 -7.88 5.37 1.55
N CYS A 56 -6.70 5.22 0.96
CA CYS A 56 -5.92 3.96 0.89
C CYS A 56 -5.40 3.59 2.30
N MET B 1 -9.73 -11.35 -12.23
CA MET B 1 -10.07 -11.85 -10.91
C MET B 1 -9.82 -10.78 -9.84
N GLU B 2 -10.47 -10.97 -8.73
CA GLU B 2 -10.37 -10.15 -7.51
C GLU B 2 -9.14 -10.56 -6.72
N VAL B 3 -8.20 -9.64 -6.57
CA VAL B 3 -6.88 -9.88 -5.98
C VAL B 3 -6.52 -8.71 -5.06
N ASN B 4 -5.56 -8.97 -4.19
CA ASN B 4 -4.98 -7.94 -3.28
C ASN B 4 -3.78 -7.31 -3.98
N LYS B 5 -3.21 -6.27 -3.39
CA LYS B 5 -2.10 -5.52 -4.02
C LYS B 5 -0.95 -6.46 -4.34
N LYS B 6 -0.60 -7.36 -3.42
CA LYS B 6 0.53 -8.28 -3.64
C LYS B 6 0.27 -9.20 -4.83
N GLN B 7 -0.93 -9.73 -4.96
CA GLN B 7 -1.27 -10.63 -6.08
C GLN B 7 -1.19 -9.87 -7.40
N LEU B 8 -1.79 -8.69 -7.45
CA LEU B 8 -1.84 -7.89 -8.68
C LEU B 8 -0.39 -7.64 -9.12
N ALA B 9 0.48 -7.31 -8.15
CA ALA B 9 1.92 -7.11 -8.39
C ALA B 9 2.55 -8.38 -8.97
N ASP B 10 2.27 -9.53 -8.38
CA ASP B 10 2.82 -10.84 -8.83
C ASP B 10 2.38 -11.08 -10.28
N ILE B 11 1.11 -10.80 -10.58
CA ILE B 11 0.47 -11.02 -11.89
C ILE B 11 1.20 -10.19 -12.96
N PHE B 12 1.57 -8.95 -12.63
CA PHE B 12 2.20 -8.02 -13.59
C PHE B 12 3.73 -8.15 -13.58
N GLY B 13 4.28 -8.88 -12.63
CA GLY B 13 5.73 -9.00 -12.48
C GLY B 13 6.29 -7.64 -12.12
N ALA B 14 5.62 -7.01 -11.20
CA ALA B 14 5.93 -5.64 -10.77
C ALA B 14 6.07 -5.58 -9.26
N SER B 15 6.59 -4.47 -8.78
CA SER B 15 6.69 -4.16 -7.34
C SER B 15 5.32 -3.71 -6.84
N ILE B 16 5.06 -3.92 -5.56
CA ILE B 16 3.89 -3.36 -4.86
C ILE B 16 3.95 -1.84 -4.95
N ARG B 17 5.17 -1.28 -4.96
CA ARG B 17 5.35 0.20 -5.05
C ARG B 17 4.83 0.70 -6.41
N THR B 18 5.01 -0.10 -7.46
CA THR B 18 4.58 0.24 -8.82
C THR B 18 3.06 0.26 -8.83
N ILE B 19 2.44 -0.68 -8.15
CA ILE B 19 0.97 -0.75 -8.06
C ILE B 19 0.42 0.52 -7.40
N GLN B 20 0.97 0.87 -6.25
CA GLN B 20 0.59 2.12 -5.55
C GLN B 20 0.76 3.33 -6.49
N ASN B 21 1.84 3.41 -7.25
CA ASN B 21 2.09 4.55 -8.16
C ASN B 21 1.01 4.58 -9.23
N TRP B 22 0.61 3.41 -9.69
CA TRP B 22 -0.46 3.28 -10.70
C TRP B 22 -1.79 3.73 -10.11
N GLN B 23 -2.02 3.44 -8.84
CA GLN B 23 -3.24 3.83 -8.11
C GLN B 23 -3.34 5.36 -8.12
N GLU B 24 -2.25 6.08 -7.89
CA GLU B 24 -2.22 7.56 -7.88
C GLU B 24 -2.48 8.13 -9.28
N GLN B 25 -2.19 7.35 -10.32
CA GLN B 25 -2.34 7.78 -11.73
C GLN B 25 -3.76 7.50 -12.25
N GLY B 26 -4.64 6.91 -11.46
CA GLY B 26 -6.04 6.65 -11.83
C GLY B 26 -6.37 5.21 -12.16
N MET B 27 -5.49 4.30 -11.77
CA MET B 27 -5.69 2.85 -11.91
C MET B 27 -6.92 2.40 -11.11
N PRO B 28 -7.84 1.71 -11.80
CA PRO B 28 -9.11 1.25 -11.27
C PRO B 28 -8.99 0.36 -10.02
N VAL B 29 -9.85 0.64 -9.06
CA VAL B 29 -9.95 -0.14 -7.80
C VAL B 29 -11.35 -0.71 -7.64
N LEU B 30 -11.43 -1.98 -7.28
CA LEU B 30 -12.72 -2.68 -7.17
C LEU B 30 -13.35 -2.44 -5.80
N ARG B 31 -12.68 -2.92 -4.76
CA ARG B 31 -13.12 -2.77 -3.36
C ARG B 31 -12.00 -2.05 -2.61
N GLY B 32 -11.97 -0.72 -2.64
CA GLY B 32 -11.16 0.09 -1.72
C GLY B 32 -11.68 -0.13 -0.32
N GLY B 33 -12.95 -0.54 -0.24
CA GLY B 33 -13.66 -0.91 0.98
C GLY B 33 -13.71 0.23 1.99
N GLY B 34 -12.81 0.19 2.97
CA GLY B 34 -12.77 1.08 4.14
C GLY B 34 -11.75 0.59 5.12
N LYS B 35 -11.19 1.46 5.96
CA LYS B 35 -10.07 1.07 6.84
C LYS B 35 -10.62 0.03 7.81
N GLY B 36 -10.13 -1.20 7.66
CA GLY B 36 -10.68 -2.43 8.23
C GLY B 36 -10.51 -3.59 7.28
N ASN B 37 -10.80 -3.33 6.00
CA ASN B 37 -10.56 -4.30 4.90
C ASN B 37 -9.64 -3.66 3.84
N GLU B 38 -8.55 -4.36 3.52
CA GLU B 38 -7.61 -4.07 2.41
C GLU B 38 -8.35 -3.83 1.09
N VAL B 39 -7.60 -3.35 0.13
CA VAL B 39 -8.06 -2.98 -1.22
C VAL B 39 -8.04 -4.24 -2.09
N LEU B 40 -9.15 -4.46 -2.79
CA LEU B 40 -9.30 -5.51 -3.84
C LEU B 40 -9.30 -4.87 -5.22
N TYR B 41 -8.70 -5.55 -6.19
CA TYR B 41 -8.58 -5.06 -7.57
C TYR B 41 -9.12 -6.10 -8.53
N ASP B 42 -9.65 -5.60 -9.64
CA ASP B 42 -10.09 -6.35 -10.83
C ASP B 42 -8.90 -6.41 -11.79
N SER B 43 -8.20 -7.52 -11.78
CA SER B 43 -7.00 -7.79 -12.60
C SER B 43 -7.34 -7.52 -14.07
N ALA B 44 -8.52 -7.94 -14.51
CA ALA B 44 -8.95 -7.71 -15.90
C ALA B 44 -9.06 -6.22 -16.12
N ALA B 45 -9.64 -5.49 -15.18
CA ALA B 45 -9.80 -4.03 -15.34
C ALA B 45 -8.45 -3.31 -15.24
N VAL B 46 -7.51 -3.82 -14.44
CA VAL B 46 -6.16 -3.20 -14.36
C VAL B 46 -5.39 -3.40 -15.67
N ILE B 47 -5.42 -4.60 -16.21
CA ILE B 47 -4.79 -4.96 -17.50
C ILE B 47 -5.34 -4.06 -18.60
N LYS B 48 -6.63 -3.85 -18.64
CA LYS B 48 -7.29 -3.04 -19.68
C LYS B 48 -6.77 -1.63 -19.55
N TRP B 49 -6.63 -1.15 -18.32
CA TRP B 49 -6.07 0.19 -17.99
C TRP B 49 -4.61 0.29 -18.39
N TYR B 50 -3.84 -0.77 -18.19
CA TYR B 50 -2.41 -0.84 -18.55
C TYR B 50 -2.24 -0.76 -20.07
N ALA B 51 -3.04 -1.54 -20.79
CA ALA B 51 -2.97 -1.64 -22.26
C ALA B 51 -3.42 -0.31 -22.88
N GLU B 52 -4.41 0.35 -22.32
CA GLU B 52 -4.94 1.62 -22.90
C GLU B 52 -3.92 2.73 -22.63
N ARG B 53 -2.94 2.51 -21.76
CA ARG B 53 -2.06 3.62 -21.32
C ARG B 53 -0.94 3.88 -22.33
N ASP B 54 -0.35 2.85 -22.94
CA ASP B 54 0.72 3.05 -23.95
C ASP B 54 0.20 2.58 -25.32
N ALA B 55 -1.09 2.75 -25.60
CA ALA B 55 -1.72 2.32 -26.88
C ALA B 55 -2.11 3.53 -27.75
N CYS B 56 -2.22 3.30 -29.05
CA CYS B 56 -2.77 4.25 -30.05
C CYS B 56 -4.22 4.58 -29.68
N MET C 1 3.05 12.53 25.01
CA MET C 1 3.30 11.69 23.87
C MET C 1 3.22 12.53 22.59
N GLU C 2 3.85 12.00 21.56
CA GLU C 2 3.94 12.51 20.18
C GLU C 2 2.66 12.16 19.45
N VAL C 3 1.93 13.19 19.06
CA VAL C 3 0.58 13.10 18.51
C VAL C 3 0.44 14.10 17.35
N ASN C 4 -0.54 13.86 16.51
CA ASN C 4 -0.94 14.78 15.41
C ASN C 4 -2.01 15.73 15.90
N LYS C 5 -2.38 16.70 15.06
CA LYS C 5 -3.30 17.77 15.44
C LYS C 5 -4.61 17.18 15.92
N LYS C 6 -5.11 16.17 15.22
CA LYS C 6 -6.42 15.57 15.59
C LYS C 6 -6.33 14.95 17.00
N GLN C 7 -5.29 14.16 17.25
CA GLN C 7 -5.05 13.49 18.55
C GLN C 7 -4.95 14.54 19.66
N LEU C 8 -4.22 15.63 19.42
CA LEU C 8 -4.02 16.68 20.43
C LEU C 8 -5.37 17.28 20.81
N ALA C 9 -6.18 17.64 19.81
CA ALA C 9 -7.51 18.22 20.01
C ALA C 9 -8.40 17.23 20.76
N ASP C 10 -8.30 15.93 20.42
CA ASP C 10 -9.04 14.85 21.09
C ASP C 10 -8.63 14.85 22.55
N ILE C 11 -7.33 14.92 22.83
CA ILE C 11 -6.73 14.90 24.20
C ILE C 11 -7.26 16.07 25.05
N PHE C 12 -7.38 17.25 24.45
CA PHE C 12 -7.83 18.48 25.13
C PHE C 12 -9.35 18.62 25.16
N GLY C 13 -10.08 17.80 24.44
CA GLY C 13 -11.53 17.96 24.27
C GLY C 13 -11.80 19.28 23.60
N ALA C 14 -11.01 19.60 22.58
CA ALA C 14 -11.05 20.88 21.86
C ALA C 14 -11.20 20.61 20.37
N SER C 15 -11.60 21.65 19.64
CA SER C 15 -11.64 21.66 18.16
C SER C 15 -10.22 21.83 17.61
N ILE C 16 -9.97 21.31 16.42
CA ILE C 16 -8.68 21.45 15.67
C ILE C 16 -8.35 22.94 15.47
N ARG C 17 -9.36 23.78 15.25
CA ARG C 17 -9.22 25.24 15.05
C ARG C 17 -8.65 25.89 16.30
N THR C 18 -9.08 25.48 17.47
CA THR C 18 -8.51 25.97 18.75
C THR C 18 -7.02 25.62 18.79
N ILE C 19 -6.66 24.43 18.35
CA ILE C 19 -5.23 23.99 18.32
C ILE C 19 -4.43 24.87 17.35
N GLN C 20 -5.00 25.18 16.19
CA GLN C 20 -4.39 26.13 15.25
C GLN C 20 -4.27 27.50 15.90
N ASN C 21 -5.27 27.94 16.66
CA ASN C 21 -5.24 29.25 17.34
C ASN C 21 -4.15 29.26 18.42
N TRP C 22 -4.01 28.16 19.15
CA TRP C 22 -2.95 28.00 20.17
C TRP C 22 -1.57 28.01 19.52
N GLN C 23 -1.46 27.42 18.35
CA GLN C 23 -0.23 27.39 17.53
C GLN C 23 0.19 28.82 17.18
N GLU C 24 -0.73 29.65 16.73
CA GLU C 24 -0.48 31.06 16.37
C GLU C 24 -0.06 31.90 17.58
N GLN C 25 -0.52 31.50 18.78
CA GLN C 25 -0.24 32.18 20.06
C GLN C 25 1.08 31.69 20.69
N GLY C 26 1.81 30.76 20.08
CA GLY C 26 3.12 30.29 20.57
C GLY C 26 3.11 28.94 21.25
N MET C 27 2.08 28.13 21.04
CA MET C 27 2.05 26.76 21.57
C MET C 27 3.21 25.99 20.94
N PRO C 28 4.01 25.28 21.77
CA PRO C 28 5.13 24.51 21.26
C PRO C 28 4.75 23.42 20.25
N VAL C 29 5.54 23.31 19.18
CA VAL C 29 5.44 22.26 18.15
C VAL C 29 6.71 21.41 18.14
N LEU C 30 6.57 20.08 18.13
CA LEU C 30 7.72 19.15 18.17
C LEU C 30 8.36 18.98 16.77
N ARG C 31 7.64 18.40 15.82
CA ARG C 31 8.13 18.20 14.45
C ARG C 31 7.31 19.09 13.52
N GLY C 32 7.90 20.20 13.05
CA GLY C 32 7.30 21.08 12.04
C GLY C 32 7.14 20.34 10.74
N GLY C 33 8.17 19.56 10.40
CA GLY C 33 8.27 18.77 9.16
C GLY C 33 8.45 19.63 7.92
N GLY C 34 8.88 18.99 6.83
CA GLY C 34 8.84 19.56 5.47
C GLY C 34 7.40 19.71 5.01
N LYS C 35 7.15 19.82 3.72
CA LYS C 35 5.76 19.81 3.18
C LYS C 35 5.43 18.40 2.70
N GLY C 36 4.20 17.98 2.94
CA GLY C 36 3.81 16.55 2.97
C GLY C 36 4.03 15.96 4.35
N ASN C 37 4.97 16.53 5.11
CA ASN C 37 5.06 16.31 6.58
C ASN C 37 3.85 16.94 7.28
N GLU C 38 3.06 16.12 7.97
CA GLU C 38 2.08 16.58 8.97
C GLU C 38 2.88 17.07 10.17
N VAL C 39 2.26 17.92 10.98
CA VAL C 39 2.88 18.49 12.19
C VAL C 39 2.67 17.47 13.31
N LEU C 40 3.73 17.24 14.10
CA LEU C 40 3.69 16.43 15.33
C LEU C 40 3.78 17.38 16.51
N TYR C 41 3.09 17.03 17.59
CA TYR C 41 3.11 17.77 18.88
C TYR C 41 3.52 16.83 20.00
N ASP C 42 4.09 17.44 21.05
CA ASP C 42 4.41 16.84 22.35
C ASP C 42 3.28 17.24 23.27
N SER C 43 2.40 16.28 23.55
CA SER C 43 1.21 16.45 24.39
C SER C 43 1.63 17.01 25.76
N ALA C 44 2.70 16.46 26.34
CA ALA C 44 3.17 16.86 27.66
C ALA C 44 3.59 18.31 27.60
N ALA C 45 4.26 18.72 26.53
CA ALA C 45 4.72 20.11 26.39
C ALA C 45 3.55 21.06 26.11
N VAL C 46 2.56 20.63 25.36
CA VAL C 46 1.36 21.46 25.11
C VAL C 46 0.57 21.63 26.41
N ILE C 47 0.48 20.58 27.23
CA ILE C 47 -0.18 20.68 28.56
C ILE C 47 0.57 21.66 29.46
N LYS C 48 1.89 21.57 29.59
CA LYS C 48 2.69 22.48 30.43
C LYS C 48 2.43 23.90 29.98
N TRP C 49 2.49 24.14 28.67
CA TRP C 49 2.18 25.43 28.03
C TRP C 49 0.77 25.93 28.37
N TYR C 50 -0.21 25.02 28.42
CA TYR C 50 -1.62 25.34 28.74
C TYR C 50 -1.79 25.85 30.17
N ALA C 51 -1.16 25.15 31.11
CA ALA C 51 -1.24 25.40 32.56
C ALA C 51 -0.52 26.72 32.86
N GLU C 52 0.58 27.01 32.16
CA GLU C 52 1.42 28.19 32.47
C GLU C 52 0.64 29.45 32.09
N ARG C 53 -0.26 29.34 31.11
CA ARG C 53 -0.81 30.50 30.38
C ARG C 53 -1.86 31.25 31.22
N ASP C 54 -2.56 30.57 32.12
CA ASP C 54 -3.44 31.27 33.09
C ASP C 54 -3.13 30.82 34.52
N ALA C 55 -1.94 30.29 34.77
CA ALA C 55 -1.47 30.01 36.15
C ALA C 55 -1.20 31.32 36.87
N CYS C 56 -1.32 31.32 38.21
CA CYS C 56 -1.11 32.51 39.09
C CYS C 56 0.36 32.60 39.53
N MET D 1 9.42 -0.83 -2.26
CA MET D 1 10.63 -0.24 -2.84
C MET D 1 11.49 -1.39 -3.41
N GLU D 2 12.07 -1.14 -4.59
CA GLU D 2 13.03 -2.03 -5.27
C GLU D 2 14.41 -1.73 -4.73
N VAL D 3 15.00 -2.74 -4.10
CA VAL D 3 16.24 -2.63 -3.36
C VAL D 3 17.12 -3.84 -3.64
N ASN D 4 18.39 -3.66 -3.38
CA ASN D 4 19.39 -4.76 -3.38
C ASN D 4 19.46 -5.42 -2.01
N LYS D 5 20.12 -6.56 -1.97
CA LYS D 5 20.27 -7.38 -0.76
C LYS D 5 20.78 -6.54 0.40
N LYS D 6 21.80 -5.73 0.15
CA LYS D 6 22.34 -4.87 1.22
C LYS D 6 21.28 -3.91 1.75
N GLN D 7 20.54 -3.27 0.87
CA GLN D 7 19.49 -2.30 1.24
C GLN D 7 18.38 -3.01 2.04
N LEU D 8 17.93 -4.16 1.55
CA LEU D 8 16.83 -4.90 2.19
C LEU D 8 17.22 -5.22 3.62
N ALA D 9 18.45 -5.70 3.81
CA ALA D 9 19.05 -6.00 5.11
C ALA D 9 19.06 -4.75 5.99
N ASP D 10 19.42 -3.61 5.42
CA ASP D 10 19.48 -2.35 6.18
C ASP D 10 18.06 -2.04 6.63
N ILE D 11 17.08 -2.26 5.78
CA ILE D 11 15.65 -1.90 5.97
C ILE D 11 15.14 -2.71 7.15
N PHE D 12 15.53 -3.97 7.21
CA PHE D 12 15.08 -4.92 8.26
C PHE D 12 15.96 -4.87 9.50
N GLY D 13 17.07 -4.17 9.44
CA GLY D 13 18.06 -4.20 10.53
C GLY D 13 18.64 -5.59 10.72
N ALA D 14 18.94 -6.25 9.63
CA ALA D 14 19.38 -7.64 9.63
C ALA D 14 20.68 -7.77 8.83
N SER D 15 21.32 -8.91 9.03
CA SER D 15 22.51 -9.30 8.25
C SER D 15 22.07 -9.77 6.86
N ILE D 16 22.96 -9.61 5.88
CA ILE D 16 22.79 -10.10 4.49
C ILE D 16 22.61 -11.63 4.52
N ARG D 17 23.34 -12.28 5.42
CA ARG D 17 23.25 -13.74 5.61
C ARG D 17 21.83 -14.11 6.01
N THR D 18 21.16 -13.29 6.82
CA THR D 18 19.73 -13.53 7.16
C THR D 18 18.86 -13.40 5.91
N ILE D 19 19.15 -12.46 5.02
CA ILE D 19 18.32 -12.26 3.79
C ILE D 19 18.50 -13.46 2.87
N GLN D 20 19.72 -13.91 2.68
CA GLN D 20 20.03 -15.07 1.84
C GLN D 20 19.24 -16.27 2.37
N ASN D 21 19.10 -16.31 3.68
CA ASN D 21 18.59 -17.43 4.49
C ASN D 21 17.08 -17.41 4.33
N TRP D 22 16.49 -16.22 4.35
CA TRP D 22 15.05 -15.98 4.08
C TRP D 22 14.70 -16.40 2.66
N GLN D 23 15.59 -16.10 1.70
CA GLN D 23 15.36 -16.47 0.28
C GLN D 23 15.28 -17.99 0.16
N GLU D 24 16.17 -18.71 0.85
CA GLU D 24 16.19 -20.19 0.82
C GLU D 24 14.88 -20.76 1.39
N GLN D 25 14.21 -20.02 2.28
CA GLN D 25 12.93 -20.43 2.90
C GLN D 25 11.73 -19.96 2.06
N GLY D 26 11.95 -19.31 0.92
CA GLY D 26 10.86 -18.98 -0.01
C GLY D 26 10.48 -17.50 -0.06
N MET D 27 11.28 -16.63 0.50
CA MET D 27 11.03 -15.16 0.51
C MET D 27 10.99 -14.66 -0.93
N PRO D 28 9.96 -13.91 -1.32
CA PRO D 28 9.82 -13.43 -2.67
C PRO D 28 11.00 -12.60 -3.21
N VAL D 29 11.34 -12.90 -4.46
CA VAL D 29 12.36 -12.14 -5.21
C VAL D 29 11.68 -11.50 -6.42
N LEU D 30 11.96 -10.23 -6.62
CA LEU D 30 11.50 -9.47 -7.80
C LEU D 30 12.51 -9.78 -8.89
N ARG D 31 12.25 -9.43 -10.14
CA ARG D 31 13.24 -9.67 -11.22
C ARG D 31 14.70 -9.63 -10.71
N GLY D 32 15.38 -10.79 -10.67
CA GLY D 32 16.76 -10.95 -10.17
C GLY D 32 17.69 -11.83 -11.01
N GLY D 33 17.39 -12.03 -12.30
CA GLY D 33 18.38 -12.47 -13.32
C GLY D 33 18.92 -13.88 -13.15
N GLY D 34 20.21 -14.03 -12.83
CA GLY D 34 20.91 -15.32 -12.60
C GLY D 34 22.41 -15.17 -12.41
N LYS D 35 23.17 -14.93 -13.48
CA LYS D 35 24.63 -14.67 -13.42
C LYS D 35 24.97 -13.42 -14.23
N GLY D 36 25.83 -12.55 -13.68
CA GLY D 36 26.04 -11.17 -14.15
C GLY D 36 24.90 -10.29 -13.67
N ASN D 37 24.19 -10.77 -12.67
CA ASN D 37 22.94 -10.13 -12.19
C ASN D 37 22.97 -10.13 -10.67
N GLU D 38 22.83 -8.93 -10.10
CA GLU D 38 22.47 -8.73 -8.70
C GLU D 38 20.95 -8.90 -8.66
N VAL D 39 20.47 -9.32 -7.52
CA VAL D 39 19.04 -9.64 -7.29
C VAL D 39 18.38 -8.37 -6.77
N LEU D 40 17.19 -8.10 -7.26
CA LEU D 40 16.33 -7.00 -6.77
C LEU D 40 15.16 -7.62 -6.00
N TYR D 41 14.79 -6.92 -4.93
CA TYR D 41 13.74 -7.33 -3.99
C TYR D 41 12.70 -6.22 -3.97
N ASP D 42 11.46 -6.63 -3.75
CA ASP D 42 10.30 -5.79 -3.40
C ASP D 42 10.23 -5.75 -1.88
N SER D 43 10.72 -4.65 -1.31
CA SER D 43 10.76 -4.41 0.14
C SER D 43 9.35 -4.64 0.71
N ALA D 44 8.31 -4.13 0.04
CA ALA D 44 6.91 -4.26 0.45
C ALA D 44 6.49 -5.72 0.46
N ALA D 45 6.88 -6.48 -0.54
CA ALA D 45 6.49 -7.88 -0.61
C ALA D 45 7.26 -8.70 0.42
N VAL D 46 8.52 -8.37 0.67
CA VAL D 46 9.32 -9.09 1.68
C VAL D 46 8.72 -8.79 3.05
N ILE D 47 8.31 -7.57 3.28
CA ILE D 47 7.64 -7.18 4.56
C ILE D 47 6.35 -7.97 4.75
N LYS D 48 5.52 -8.11 3.73
CA LYS D 48 4.28 -8.92 3.72
C LYS D 48 4.61 -10.34 4.13
N TRP D 49 5.50 -10.97 3.39
CA TRP D 49 6.02 -12.34 3.67
C TRP D 49 6.51 -12.44 5.11
N TYR D 50 7.18 -11.43 5.62
CA TYR D 50 7.74 -11.46 6.99
C TYR D 50 6.65 -11.58 8.08
N ALA D 51 5.64 -10.75 7.97
CA ALA D 51 4.54 -10.66 8.95
C ALA D 51 3.71 -11.93 8.92
N GLU D 52 3.45 -12.48 7.74
CA GLU D 52 2.58 -13.68 7.56
C GLU D 52 3.29 -14.93 8.09
N ARG D 53 4.60 -14.89 8.27
CA ARG D 53 5.35 -16.07 8.74
C ARG D 53 5.03 -16.41 10.20
N ASP D 54 4.84 -15.44 11.09
CA ASP D 54 4.42 -15.75 12.48
C ASP D 54 3.07 -15.07 12.78
N ALA D 55 2.32 -14.68 11.75
CA ALA D 55 0.93 -14.17 11.88
C ALA D 55 0.03 -15.31 12.37
N CYS D 56 -1.12 -14.96 12.95
CA CYS D 56 -2.15 -15.91 13.44
C CYS D 56 -2.77 -16.65 12.24
N MET E 1 2.94 -14.12 -12.49
CA MET E 1 2.91 -15.43 -11.85
C MET E 1 2.68 -16.57 -12.86
N GLU E 2 2.99 -17.77 -12.40
CA GLU E 2 2.80 -19.03 -13.16
C GLU E 2 1.36 -19.49 -13.03
N VAL E 3 0.65 -19.60 -14.13
CA VAL E 3 -0.80 -19.92 -14.15
C VAL E 3 -1.08 -20.95 -15.26
N ASN E 4 -2.14 -21.72 -15.06
CA ASN E 4 -2.68 -22.59 -16.13
C ASN E 4 -3.70 -21.79 -16.94
N LYS E 5 -4.21 -22.43 -17.99
CA LYS E 5 -5.13 -21.79 -18.94
C LYS E 5 -6.37 -21.22 -18.23
N LYS E 6 -6.92 -21.94 -17.26
CA LYS E 6 -8.18 -21.52 -16.59
C LYS E 6 -7.93 -20.28 -15.74
N GLN E 7 -6.83 -20.28 -15.01
CA GLN E 7 -6.39 -19.16 -14.14
C GLN E 7 -6.08 -17.94 -14.98
N LEU E 8 -5.47 -18.11 -16.17
CA LEU E 8 -5.10 -16.98 -17.05
C LEU E 8 -6.36 -16.32 -17.62
N ALA E 9 -7.32 -17.09 -18.09
CA ALA E 9 -8.64 -16.60 -18.54
C ALA E 9 -9.28 -15.73 -17.45
N ASP E 10 -9.36 -16.24 -16.22
CA ASP E 10 -9.96 -15.54 -15.08
C ASP E 10 -9.19 -14.22 -14.83
N ILE E 11 -7.87 -14.23 -14.98
CA ILE E 11 -7.01 -13.05 -14.78
C ILE E 11 -7.39 -12.02 -15.84
N PHE E 12 -7.70 -12.48 -17.04
CA PHE E 12 -8.13 -11.61 -18.15
C PHE E 12 -9.65 -11.41 -18.15
N GLY E 13 -10.39 -12.07 -17.28
CA GLY E 13 -11.86 -12.06 -17.27
C GLY E 13 -12.42 -12.50 -18.63
N ALA E 14 -11.80 -13.53 -19.19
CA ALA E 14 -12.00 -13.93 -20.60
C ALA E 14 -12.43 -15.40 -20.74
N SER E 15 -12.83 -15.77 -21.94
CA SER E 15 -13.13 -17.17 -22.32
C SER E 15 -11.80 -17.87 -22.47
N ILE E 16 -11.78 -19.17 -22.20
CA ILE E 16 -10.61 -20.03 -22.47
C ILE E 16 -10.41 -20.05 -23.98
N ARG E 17 -11.50 -20.01 -24.74
CA ARG E 17 -11.42 -19.91 -26.22
C ARG E 17 -10.68 -18.64 -26.58
N THR E 18 -10.87 -17.56 -25.82
CA THR E 18 -10.18 -16.28 -26.06
C THR E 18 -8.68 -16.50 -25.91
N ILE E 19 -8.31 -17.24 -24.88
CA ILE E 19 -6.89 -17.56 -24.60
C ILE E 19 -6.27 -18.40 -25.72
N GLN E 20 -6.93 -19.48 -26.09
CA GLN E 20 -6.47 -20.41 -27.16
C GLN E 20 -6.27 -19.63 -28.46
N ASN E 21 -7.10 -18.64 -28.77
CA ASN E 21 -6.92 -17.81 -29.98
C ASN E 21 -5.70 -16.91 -29.86
N TRP E 22 -5.43 -16.38 -28.68
CA TRP E 22 -4.23 -15.58 -28.43
C TRP E 22 -2.98 -16.46 -28.67
N GLN E 23 -3.01 -17.71 -28.23
CA GLN E 23 -1.94 -18.70 -28.46
C GLN E 23 -1.61 -18.81 -29.95
N GLU E 24 -2.62 -18.96 -30.79
CA GLU E 24 -2.48 -19.08 -32.26
C GLU E 24 -1.84 -17.84 -32.86
N GLN E 25 -2.13 -16.66 -32.28
CA GLN E 25 -1.61 -15.37 -32.77
C GLN E 25 -0.22 -15.10 -32.20
N GLY E 26 0.27 -15.97 -31.34
CA GLY E 26 1.67 -15.97 -30.88
C GLY E 26 1.86 -15.58 -29.43
N MET E 27 0.81 -15.65 -28.64
CA MET E 27 0.84 -15.35 -27.19
C MET E 27 1.79 -16.35 -26.55
N PRO E 28 2.75 -15.83 -25.75
CA PRO E 28 3.77 -16.60 -25.08
C PRO E 28 3.27 -17.67 -24.10
N VAL E 29 3.93 -18.81 -24.16
CA VAL E 29 3.69 -19.98 -23.28
C VAL E 29 5.01 -20.37 -22.60
N LEU E 30 4.88 -20.94 -21.41
CA LEU E 30 6.00 -21.49 -20.61
C LEU E 30 6.34 -22.87 -21.13
N ARG E 31 6.99 -23.66 -20.26
CA ARG E 31 7.30 -25.10 -20.47
C ARG E 31 6.58 -25.96 -19.42
N GLY E 32 7.00 -27.23 -19.33
CA GLY E 32 6.38 -28.29 -18.52
C GLY E 32 7.28 -29.52 -18.46
N GLY E 33 6.71 -30.73 -18.59
CA GLY E 33 7.43 -31.99 -18.35
C GLY E 33 6.71 -33.24 -18.83
N GLY E 34 6.72 -33.44 -20.15
CA GLY E 34 6.35 -34.69 -20.87
C GLY E 34 5.20 -35.47 -20.27
N LYS E 35 3.97 -35.21 -20.76
CA LYS E 35 2.73 -36.02 -20.54
C LYS E 35 2.27 -35.95 -19.07
N GLY E 36 1.33 -35.06 -18.82
CA GLY E 36 0.78 -34.79 -17.47
C GLY E 36 0.63 -33.31 -17.27
N ASN E 37 1.76 -32.61 -17.23
CA ASN E 37 1.77 -31.14 -16.98
C ASN E 37 1.02 -30.45 -18.13
N GLU E 38 -0.03 -29.74 -17.74
CA GLU E 38 -0.81 -28.85 -18.62
C GLU E 38 0.08 -27.73 -19.14
N VAL E 39 -0.44 -26.97 -20.10
CA VAL E 39 0.20 -25.75 -20.63
C VAL E 39 0.25 -24.73 -19.48
N LEU E 40 1.39 -24.10 -19.27
CA LEU E 40 1.59 -23.08 -18.24
C LEU E 40 1.94 -21.74 -18.90
N TYR E 41 1.58 -20.66 -18.24
CA TYR E 41 1.78 -19.29 -18.74
C TYR E 41 2.48 -18.44 -17.68
N ASP E 42 3.31 -17.52 -18.15
CA ASP E 42 3.87 -16.42 -17.34
C ASP E 42 2.89 -15.28 -17.51
N SER E 43 2.11 -14.95 -16.48
CA SER E 43 1.09 -13.89 -16.55
C SER E 43 1.77 -12.58 -16.96
N ALA E 44 2.94 -12.30 -16.40
CA ALA E 44 3.67 -11.07 -16.70
C ALA E 44 3.98 -11.01 -18.20
N ALA E 45 4.47 -12.09 -18.77
CA ALA E 45 4.84 -12.14 -20.23
C ALA E 45 3.59 -11.97 -21.11
N VAL E 46 2.48 -12.57 -20.69
CA VAL E 46 1.19 -12.49 -21.41
C VAL E 46 0.65 -11.07 -21.41
N ILE E 47 0.78 -10.38 -20.29
CA ILE E 47 0.31 -8.98 -20.20
C ILE E 47 1.19 -8.16 -21.13
N LYS E 48 2.51 -8.32 -21.04
CA LYS E 48 3.47 -7.63 -21.93
C LYS E 48 3.07 -7.84 -23.38
N TRP E 49 2.70 -9.04 -23.75
CA TRP E 49 2.28 -9.39 -25.13
C TRP E 49 0.95 -8.71 -25.48
N TYR E 50 -0.02 -8.75 -24.58
CA TYR E 50 -1.36 -8.17 -24.74
C TYR E 50 -1.22 -6.68 -25.07
N ALA E 51 -0.41 -5.99 -24.28
CA ALA E 51 -0.19 -4.54 -24.40
C ALA E 51 0.58 -4.19 -25.69
N GLU E 52 1.58 -4.98 -26.08
CA GLU E 52 2.45 -4.67 -27.26
C GLU E 52 1.67 -4.80 -28.57
N ARG E 53 0.53 -5.50 -28.56
CA ARG E 53 -0.36 -5.70 -29.73
C ARG E 53 -0.72 -4.38 -30.44
N ASP E 54 -0.91 -3.29 -29.70
CA ASP E 54 -1.08 -1.94 -30.33
C ASP E 54 -0.45 -0.84 -29.49
N ALA E 55 0.78 -1.04 -29.00
CA ALA E 55 1.61 -0.01 -28.34
C ALA E 55 2.37 0.84 -29.37
N CYS E 56 2.75 2.05 -28.95
CA CYS E 56 3.38 3.10 -29.79
C CYS E 56 4.89 3.01 -29.62
N MET F 1 16.02 4.18 -24.91
CA MET F 1 15.81 2.78 -25.21
C MET F 1 15.87 1.88 -23.95
N GLU F 2 15.27 0.70 -24.13
CA GLU F 2 15.25 -0.49 -23.26
C GLU F 2 16.65 -1.11 -23.29
N VAL F 3 17.34 -1.10 -22.16
CA VAL F 3 18.73 -1.60 -22.03
C VAL F 3 18.81 -2.42 -20.73
N ASN F 4 19.73 -3.39 -20.70
CA ASN F 4 20.10 -4.10 -19.45
C ASN F 4 21.24 -3.36 -18.79
N LYS F 5 21.61 -3.81 -17.61
CA LYS F 5 22.66 -3.22 -16.78
C LYS F 5 23.96 -3.08 -17.59
N LYS F 6 24.29 -4.10 -18.36
CA LYS F 6 25.53 -4.18 -19.19
C LYS F 6 25.48 -3.10 -20.26
N GLN F 7 24.34 -2.99 -20.93
CA GLN F 7 24.11 -2.05 -22.02
C GLN F 7 24.16 -0.64 -21.44
N LEU F 8 23.57 -0.44 -20.28
CA LEU F 8 23.50 0.90 -19.67
C LEU F 8 24.88 1.36 -19.25
N ALA F 9 25.62 0.55 -18.48
CA ALA F 9 27.02 0.86 -18.12
C ALA F 9 27.80 1.22 -19.39
N ASP F 10 27.61 0.46 -20.45
CA ASP F 10 28.22 0.65 -21.77
C ASP F 10 27.91 2.06 -22.31
N ILE F 11 26.66 2.47 -22.23
CA ILE F 11 26.19 3.77 -22.76
C ILE F 11 26.84 4.90 -21.96
N PHE F 12 27.01 4.70 -20.66
CA PHE F 12 27.65 5.67 -19.74
C PHE F 12 29.17 5.52 -19.68
N GLY F 13 29.73 4.54 -20.37
CA GLY F 13 31.18 4.29 -20.34
C GLY F 13 31.66 4.03 -18.92
N ALA F 14 30.85 3.30 -18.14
CA ALA F 14 31.06 3.13 -16.69
C ALA F 14 31.13 1.65 -16.34
N SER F 15 31.64 1.36 -15.16
CA SER F 15 31.59 0.01 -14.58
C SER F 15 30.14 -0.29 -14.18
N ILE F 16 29.85 -1.57 -14.19
CA ILE F 16 28.55 -2.13 -13.74
C ILE F 16 28.31 -1.76 -12.27
N ARG F 17 29.34 -1.88 -11.45
CA ARG F 17 29.27 -1.51 -10.01
C ARG F 17 28.86 -0.04 -9.84
N THR F 18 29.24 0.83 -10.78
CA THR F 18 28.86 2.25 -10.74
C THR F 18 27.35 2.37 -10.97
N ILE F 19 26.85 1.65 -11.95
CA ILE F 19 25.39 1.56 -12.24
C ILE F 19 24.66 1.08 -10.99
N GLN F 20 25.21 0.09 -10.31
CA GLN F 20 24.62 -0.45 -9.06
C GLN F 20 24.57 0.64 -7.97
N ASN F 21 25.57 1.48 -7.86
CA ASN F 21 25.58 2.67 -6.98
C ASN F 21 24.43 3.63 -7.31
N TRP F 22 24.24 3.95 -8.57
CA TRP F 22 23.22 4.93 -8.97
C TRP F 22 21.84 4.40 -8.59
N GLN F 23 21.63 3.11 -8.79
CA GLN F 23 20.38 2.38 -8.43
C GLN F 23 20.08 2.52 -6.93
N GLU F 24 21.09 2.27 -6.10
CA GLU F 24 21.01 2.39 -4.63
C GLU F 24 20.72 3.86 -4.25
N GLN F 25 21.15 4.82 -5.06
CA GLN F 25 20.91 6.28 -4.82
C GLN F 25 19.58 6.79 -5.39
N GLY F 26 18.79 5.95 -6.04
CA GLY F 26 17.44 6.28 -6.52
C GLY F 26 17.26 6.36 -8.02
N MET F 27 18.22 5.86 -8.77
CA MET F 27 18.20 5.87 -10.23
C MET F 27 17.05 5.00 -10.72
N PRO F 28 16.21 5.54 -11.62
CA PRO F 28 15.08 4.83 -12.17
C PRO F 28 15.35 3.51 -12.90
N VAL F 29 14.48 2.54 -12.60
CA VAL F 29 14.47 1.15 -13.12
C VAL F 29 13.11 0.84 -13.77
N LEU F 30 13.10 0.08 -14.86
CA LEU F 30 11.86 -0.37 -15.57
C LEU F 30 11.21 -1.50 -14.75
N ARG F 31 10.18 -2.12 -15.31
CA ARG F 31 9.50 -3.29 -14.72
C ARG F 31 9.64 -4.49 -15.68
N GLY F 32 10.81 -5.14 -15.62
CA GLY F 32 11.15 -6.39 -16.31
C GLY F 32 10.02 -7.41 -16.35
N GLY F 33 9.73 -8.07 -15.22
CA GLY F 33 8.54 -8.93 -15.04
C GLY F 33 8.77 -10.20 -14.21
N GLY F 34 9.59 -10.17 -13.17
CA GLY F 34 9.71 -11.32 -12.23
C GLY F 34 11.07 -11.99 -12.26
N LYS F 35 11.25 -13.00 -11.41
CA LYS F 35 12.58 -13.63 -11.14
C LYS F 35 12.90 -14.61 -12.27
N GLY F 36 12.94 -14.09 -13.50
CA GLY F 36 13.20 -14.84 -14.74
C GLY F 36 14.01 -13.99 -15.70
N ASN F 37 13.59 -12.74 -15.89
CA ASN F 37 14.39 -11.80 -16.71
C ASN F 37 15.03 -10.75 -15.80
N GLU F 38 16.10 -10.18 -16.33
CA GLU F 38 17.00 -9.22 -15.65
C GLU F 38 16.28 -7.89 -15.42
N VAL F 39 16.90 -7.08 -14.59
CA VAL F 39 16.54 -5.66 -14.39
C VAL F 39 16.73 -4.96 -15.73
N LEU F 40 15.73 -4.19 -16.10
CA LEU F 40 15.76 -3.35 -17.32
C LEU F 40 15.74 -1.86 -16.96
N TYR F 41 16.31 -1.06 -17.82
CA TYR F 41 16.38 0.40 -17.66
C TYR F 41 15.83 1.11 -18.90
N ASP F 42 15.30 2.30 -18.63
CA ASP F 42 14.95 3.31 -19.65
C ASP F 42 16.10 4.28 -19.71
N SER F 43 16.88 4.22 -20.80
CA SER F 43 18.12 5.01 -20.97
C SER F 43 17.80 6.50 -20.86
N ALA F 44 16.71 6.93 -21.48
CA ALA F 44 16.27 8.32 -21.46
C ALA F 44 16.03 8.76 -20.02
N ALA F 45 15.31 7.98 -19.24
CA ALA F 45 14.97 8.35 -17.83
C ALA F 45 16.22 8.37 -16.94
N VAL F 46 17.16 7.45 -17.13
CA VAL F 46 18.44 7.39 -16.38
C VAL F 46 19.28 8.63 -16.69
N ILE F 47 19.31 9.04 -17.95
CA ILE F 47 20.02 10.28 -18.38
C ILE F 47 19.38 11.48 -17.70
N LYS F 48 18.05 11.58 -17.68
CA LYS F 48 17.39 12.74 -17.06
C LYS F 48 17.71 12.73 -15.56
N TRP F 49 17.74 11.55 -14.96
CA TRP F 49 18.09 11.37 -13.53
C TRP F 49 19.52 11.82 -13.27
N TYR F 50 20.44 11.41 -14.12
CA TYR F 50 21.89 11.74 -14.08
C TYR F 50 22.06 13.26 -14.17
N ALA F 51 21.36 13.87 -15.10
CA ALA F 51 21.43 15.32 -15.37
C ALA F 51 20.78 16.10 -14.23
N GLU F 52 19.64 15.65 -13.71
CA GLU F 52 18.91 16.36 -12.62
C GLU F 52 19.61 16.15 -11.27
N ARG F 53 20.67 15.33 -11.23
CA ARG F 53 21.50 15.16 -10.01
C ARG F 53 22.15 16.49 -9.61
N ASP F 54 22.66 17.23 -10.60
CA ASP F 54 23.28 18.56 -10.35
C ASP F 54 22.58 19.66 -11.17
N ALA F 55 21.37 19.40 -11.66
CA ALA F 55 20.44 20.45 -12.12
C ALA F 55 19.79 21.03 -10.85
N CYS F 56 19.94 22.35 -10.66
CA CYS F 56 19.40 23.22 -9.59
C CYS F 56 19.01 24.57 -10.18
N MET G 1 -25.12 -16.01 5.97
CA MET G 1 -25.51 -14.60 5.96
C MET G 1 -24.43 -13.70 5.32
N GLU G 2 -24.86 -12.48 4.95
CA GLU G 2 -24.00 -11.44 4.36
C GLU G 2 -23.21 -10.75 5.47
N VAL G 3 -21.88 -10.79 5.39
CA VAL G 3 -20.98 -10.29 6.45
C VAL G 3 -19.78 -9.56 5.84
N ASN G 4 -19.24 -8.60 6.58
CA ASN G 4 -17.96 -7.94 6.22
C ASN G 4 -16.82 -8.74 6.81
N LYS G 5 -15.62 -8.34 6.48
CA LYS G 5 -14.41 -9.13 6.85
C LYS G 5 -14.27 -9.32 8.37
N LYS G 6 -14.55 -8.30 9.18
CA LYS G 6 -14.43 -8.35 10.65
C LYS G 6 -15.42 -9.39 11.18
N GLN G 7 -16.61 -9.39 10.62
CA GLN G 7 -17.70 -10.27 11.04
C GLN G 7 -17.39 -11.73 10.67
N LEU G 8 -16.78 -11.98 9.51
CA LEU G 8 -16.46 -13.36 9.08
C LEU G 8 -15.34 -13.95 9.97
N ALA G 9 -14.33 -13.16 10.31
CA ALA G 9 -13.24 -13.56 11.24
C ALA G 9 -13.86 -14.02 12.57
N ASP G 10 -14.75 -13.22 13.15
CA ASP G 10 -15.40 -13.54 14.44
C ASP G 10 -16.21 -14.85 14.29
N ILE G 11 -16.82 -15.05 13.13
CA ILE G 11 -17.67 -16.24 12.86
C ILE G 11 -16.76 -17.45 12.88
N PHE G 12 -15.56 -17.30 12.32
CA PHE G 12 -14.50 -18.33 12.27
C PHE G 12 -13.60 -18.36 13.51
N GLY G 13 -13.75 -17.42 14.42
CA GLY G 13 -12.92 -17.31 15.63
C GLY G 13 -11.47 -17.03 15.23
N ALA G 14 -11.27 -16.21 14.20
CA ALA G 14 -9.96 -16.05 13.55
C ALA G 14 -9.58 -14.58 13.42
N SER G 15 -8.30 -14.35 13.14
CA SER G 15 -7.74 -13.04 12.79
C SER G 15 -8.10 -12.67 11.35
N ILE G 16 -8.14 -11.37 11.10
CA ILE G 16 -8.36 -10.76 9.77
C ILE G 16 -7.30 -11.30 8.83
N ARG G 17 -6.06 -11.40 9.30
CA ARG G 17 -4.91 -11.92 8.51
C ARG G 17 -5.25 -13.30 7.94
N THR G 18 -5.94 -14.14 8.71
CA THR G 18 -6.31 -15.51 8.31
C THR G 18 -7.33 -15.45 7.18
N ILE G 19 -8.29 -14.55 7.29
CA ILE G 19 -9.35 -14.40 6.25
C ILE G 19 -8.70 -13.97 4.93
N GLN G 20 -7.80 -13.02 5.00
CA GLN G 20 -7.12 -12.46 3.80
C GLN G 20 -6.34 -13.55 3.07
N ASN G 21 -5.63 -14.41 3.78
CA ASN G 21 -4.82 -15.49 3.16
C ASN G 21 -5.74 -16.49 2.47
N TRP G 22 -6.90 -16.74 3.05
CA TRP G 22 -7.92 -17.64 2.46
C TRP G 22 -8.43 -17.05 1.12
N GLN G 23 -8.63 -15.75 1.10
CA GLN G 23 -9.07 -15.01 -0.10
C GLN G 23 -8.04 -15.21 -1.22
N GLU G 24 -6.78 -15.09 -0.85
CA GLU G 24 -5.60 -15.31 -1.71
C GLU G 24 -5.56 -16.76 -2.19
N GLN G 25 -6.14 -17.69 -1.44
CA GLN G 25 -6.18 -19.14 -1.77
C GLN G 25 -7.45 -19.50 -2.54
N GLY G 26 -8.35 -18.56 -2.76
CA GLY G 26 -9.51 -18.70 -3.67
C GLY G 26 -10.84 -18.72 -2.95
N MET G 27 -10.86 -18.41 -1.66
CA MET G 27 -12.10 -18.35 -0.85
C MET G 27 -13.06 -17.33 -1.49
N PRO G 28 -14.34 -17.74 -1.68
CA PRO G 28 -15.33 -16.89 -2.31
C PRO G 28 -15.61 -15.51 -1.66
N VAL G 29 -15.80 -14.54 -2.53
CA VAL G 29 -16.15 -13.13 -2.20
C VAL G 29 -17.44 -12.72 -2.92
N LEU G 30 -18.26 -11.92 -2.27
CA LEU G 30 -19.50 -11.35 -2.88
C LEU G 30 -19.14 -10.17 -3.77
N ARG G 31 -20.12 -9.31 -4.05
CA ARG G 31 -19.89 -8.02 -4.76
C ARG G 31 -20.21 -6.84 -3.83
N GLY G 32 -20.39 -5.66 -4.45
CA GLY G 32 -20.52 -4.35 -3.77
C GLY G 32 -20.89 -3.25 -4.76
N GLY G 33 -20.20 -2.11 -4.65
CA GLY G 33 -20.50 -0.85 -5.36
C GLY G 33 -19.36 -0.39 -6.25
N GLY G 34 -18.11 -0.60 -5.82
CA GLY G 34 -16.93 -0.11 -6.54
C GLY G 34 -16.20 0.97 -5.77
N LYS G 35 -15.47 0.56 -4.72
CA LYS G 35 -14.51 1.41 -3.98
C LYS G 35 -15.27 2.40 -3.09
N GLY G 36 -15.61 1.96 -1.87
CA GLY G 36 -16.57 2.65 -0.99
C GLY G 36 -17.27 1.64 -0.11
N ASN G 37 -17.93 0.68 -0.75
CA ASN G 37 -18.47 -0.49 -0.04
C ASN G 37 -17.30 -1.42 0.23
N GLU G 38 -17.26 -1.93 1.46
CA GLU G 38 -16.27 -2.93 1.93
C GLU G 38 -16.42 -4.22 1.14
N VAL G 39 -15.43 -5.09 1.26
CA VAL G 39 -15.51 -6.47 0.74
C VAL G 39 -16.59 -7.18 1.58
N LEU G 40 -17.47 -7.87 0.89
CA LEU G 40 -18.57 -8.64 1.51
C LEU G 40 -18.37 -10.13 1.23
N TYR G 41 -18.86 -10.95 2.15
CA TYR G 41 -18.80 -12.42 2.07
C TYR G 41 -20.17 -13.03 2.40
N ASP G 42 -20.44 -14.15 1.71
CA ASP G 42 -21.55 -15.07 2.00
C ASP G 42 -20.99 -16.11 2.94
N SER G 43 -21.39 -16.07 4.21
CA SER G 43 -20.85 -16.98 5.23
C SER G 43 -21.05 -18.43 4.78
N ALA G 44 -22.24 -18.71 4.27
CA ALA G 44 -22.63 -20.06 3.82
C ALA G 44 -21.60 -20.52 2.79
N ALA G 45 -21.33 -19.68 1.80
CA ALA G 45 -20.42 -20.00 0.67
C ALA G 45 -18.99 -20.25 1.17
N VAL G 46 -18.55 -19.43 2.14
CA VAL G 46 -17.20 -19.51 2.72
C VAL G 46 -17.05 -20.81 3.50
N ILE G 47 -18.07 -21.20 4.27
CA ILE G 47 -18.09 -22.45 5.07
C ILE G 47 -18.02 -23.62 4.09
N LYS G 48 -18.75 -23.59 2.99
CA LYS G 48 -18.69 -24.71 2.02
C LYS G 48 -17.25 -24.84 1.48
N TRP G 49 -16.61 -23.71 1.21
CA TRP G 49 -15.22 -23.67 0.69
C TRP G 49 -14.23 -24.19 1.73
N TYR G 50 -14.41 -23.82 2.99
CA TYR G 50 -13.58 -24.26 4.13
C TYR G 50 -13.65 -25.78 4.23
N ALA G 51 -14.84 -26.34 4.18
CA ALA G 51 -15.08 -27.78 4.31
C ALA G 51 -14.54 -28.55 3.10
N GLU G 52 -14.68 -28.02 1.90
CA GLU G 52 -14.30 -28.70 0.63
C GLU G 52 -12.78 -28.70 0.45
N ARG G 53 -12.06 -27.94 1.27
CA ARG G 53 -10.57 -27.94 1.27
C ARG G 53 -10.01 -29.35 1.45
N ASP G 54 -10.62 -30.19 2.29
CA ASP G 54 -10.20 -31.62 2.39
C ASP G 54 -11.39 -32.55 2.64
N ALA G 55 -12.57 -32.23 2.08
CA ALA G 55 -13.68 -33.19 1.93
C ALA G 55 -13.17 -34.25 0.97
N CYS G 56 -13.63 -35.49 1.13
CA CYS G 56 -13.06 -36.68 0.47
C CYS G 56 -13.39 -36.66 -1.04
N MET H 1 16.96 1.17 8.76
CA MET H 1 17.55 2.44 8.31
C MET H 1 16.64 3.65 8.62
N GLU H 2 17.31 4.81 8.68
CA GLU H 2 16.73 6.16 8.91
C GLU H 2 15.97 6.57 7.66
N VAL H 3 14.68 6.78 7.78
CA VAL H 3 13.82 7.15 6.62
C VAL H 3 12.88 8.29 7.06
N ASN H 4 12.45 9.07 6.09
CA ASN H 4 11.37 10.07 6.31
C ASN H 4 10.06 9.41 5.90
N LYS H 5 8.97 10.10 6.16
CA LYS H 5 7.62 9.53 5.99
C LYS H 5 7.45 9.01 4.57
N LYS H 6 7.92 9.77 3.59
CA LYS H 6 7.77 9.46 2.16
C LYS H 6 8.53 8.15 1.84
N GLN H 7 9.74 8.03 2.35
CA GLN H 7 10.63 6.88 2.09
C GLN H 7 10.04 5.65 2.78
N LEU H 8 9.49 5.82 3.98
CA LEU H 8 8.81 4.72 4.71
C LEU H 8 7.62 4.19 3.92
N ALA H 9 6.73 5.07 3.46
CA ALA H 9 5.56 4.72 2.63
C ALA H 9 6.01 3.88 1.43
N ASP H 10 7.05 4.34 0.70
CA ASP H 10 7.55 3.62 -0.49
C ASP H 10 8.04 2.21 -0.10
N ILE H 11 8.70 2.10 1.06
CA ILE H 11 9.23 0.79 1.53
C ILE H 11 8.07 -0.19 1.77
N PHE H 12 6.95 0.32 2.27
CA PHE H 12 5.73 -0.46 2.50
C PHE H 12 4.80 -0.52 1.28
N GLY H 13 5.16 0.16 0.20
CA GLY H 13 4.33 0.25 -1.00
C GLY H 13 2.94 0.78 -0.68
N ALA H 14 2.89 1.76 0.20
CA ALA H 14 1.66 2.24 0.86
C ALA H 14 1.45 3.73 0.62
N SER H 15 0.26 4.19 0.99
CA SER H 15 -0.10 5.61 1.01
C SER H 15 0.60 6.28 2.19
N ILE H 16 0.88 7.56 2.06
CA ILE H 16 1.41 8.38 3.15
C ILE H 16 0.35 8.47 4.25
N ARG H 17 -0.92 8.55 3.87
CA ARG H 17 -2.04 8.57 4.82
C ARG H 17 -2.09 7.23 5.55
N THR H 18 -1.68 6.13 4.91
CA THR H 18 -1.58 4.79 5.52
C THR H 18 -0.53 4.85 6.63
N ILE H 19 0.60 5.48 6.34
CA ILE H 19 1.66 5.75 7.35
C ILE H 19 1.09 6.55 8.53
N GLN H 20 0.46 7.67 8.27
CA GLN H 20 -0.06 8.56 9.34
C GLN H 20 -1.06 7.83 10.25
N ASN H 21 -1.92 6.99 9.71
CA ASN H 21 -2.93 6.22 10.49
C ASN H 21 -2.20 5.24 11.41
N TRP H 22 -1.10 4.69 10.94
CA TRP H 22 -0.29 3.74 11.75
C TRP H 22 0.35 4.49 12.93
N GLN H 23 0.84 5.68 12.69
CA GLN H 23 1.37 6.58 13.74
C GLN H 23 0.33 6.76 14.84
N GLU H 24 -0.92 7.02 14.47
CA GLU H 24 -2.03 7.21 15.43
C GLU H 24 -2.27 5.95 16.24
N GLN H 25 -1.95 4.77 15.70
CA GLN H 25 -2.19 3.46 16.37
C GLN H 25 -1.00 3.02 17.22
N GLY H 26 0.08 3.81 17.30
CA GLY H 26 1.22 3.58 18.22
C GLY H 26 2.49 3.17 17.52
N MET H 27 2.54 3.38 16.20
CA MET H 27 3.71 3.05 15.37
C MET H 27 4.87 3.94 15.80
N PRO H 28 6.03 3.34 16.04
CA PRO H 28 7.24 4.04 16.45
C PRO H 28 7.73 5.17 15.52
N VAL H 29 8.26 6.22 16.15
CA VAL H 29 8.97 7.36 15.48
C VAL H 29 10.33 7.57 16.15
N LEU H 30 11.30 8.01 15.34
CA LEU H 30 12.68 8.34 15.79
C LEU H 30 12.65 9.77 16.37
N ARG H 31 13.70 10.55 16.10
CA ARG H 31 13.93 11.91 16.63
C ARG H 31 14.13 12.95 15.52
N GLY H 32 14.56 14.14 15.94
CA GLY H 32 14.94 15.35 15.18
C GLY H 32 15.40 16.46 16.12
N GLY H 33 15.04 17.71 15.81
CA GLY H 33 15.59 18.90 16.49
C GLY H 33 14.59 19.71 17.28
N GLY H 34 13.30 19.54 17.05
CA GLY H 34 12.24 20.31 17.73
C GLY H 34 11.85 21.58 16.97
N LYS H 35 10.91 21.46 16.02
CA LYS H 35 10.36 22.58 15.22
C LYS H 35 11.42 23.05 14.21
N GLY H 36 11.35 22.56 12.96
CA GLY H 36 12.35 22.86 11.91
C GLY H 36 13.08 21.62 11.43
N ASN H 37 12.36 20.50 11.32
CA ASN H 37 12.93 19.14 11.24
C ASN H 37 11.83 18.11 11.03
N GLU H 38 11.92 17.34 9.94
CA GLU H 38 10.89 16.34 9.53
C GLU H 38 10.86 15.16 10.50
N VAL H 39 9.72 14.51 10.58
CA VAL H 39 9.49 13.28 11.38
C VAL H 39 10.36 12.17 10.77
N LEU H 40 11.11 11.47 11.60
CA LEU H 40 11.97 10.36 11.16
C LEU H 40 11.52 9.04 11.78
N TYR H 41 11.79 7.98 11.05
CA TYR H 41 11.41 6.59 11.37
C TYR H 41 12.61 5.65 11.25
N ASP H 42 12.60 4.66 12.13
CA ASP H 42 13.48 3.49 12.07
C ASP H 42 12.71 2.41 11.33
N SER H 43 13.10 2.11 10.11
CA SER H 43 12.42 1.11 9.27
C SER H 43 12.36 -0.22 10.01
N ALA H 44 13.45 -0.58 10.67
CA ALA H 44 13.52 -1.86 11.38
C ALA H 44 12.44 -1.93 12.46
N ALA H 45 12.30 -0.90 13.28
CA ALA H 45 11.34 -0.89 14.39
C ALA H 45 9.90 -0.84 13.85
N VAL H 46 9.69 -0.13 12.77
CA VAL H 46 8.36 -0.08 12.12
C VAL H 46 7.99 -1.46 11.60
N ILE H 47 8.96 -2.16 11.03
CA ILE H 47 8.72 -3.53 10.50
C ILE H 47 8.35 -4.42 11.69
N LYS H 48 9.06 -4.27 12.79
CA LYS H 48 8.83 -5.09 14.00
C LYS H 48 7.43 -4.77 14.54
N TRP H 49 7.10 -3.49 14.55
CA TRP H 49 5.75 -3.03 14.98
C TRP H 49 4.66 -3.62 14.09
N TYR H 50 4.85 -3.59 12.79
CA TYR H 50 3.88 -4.11 11.79
C TYR H 50 3.66 -5.60 12.01
N ALA H 51 4.73 -6.32 12.31
CA ALA H 51 4.75 -7.79 12.47
C ALA H 51 4.05 -8.17 13.76
N GLU H 52 4.29 -7.49 14.86
CA GLU H 52 3.78 -7.88 16.21
C GLU H 52 2.27 -7.55 16.32
N ARG H 53 1.75 -6.72 15.43
CA ARG H 53 0.29 -6.43 15.34
C ARG H 53 -0.52 -7.73 15.28
N ASP H 54 -0.09 -8.69 14.47
CA ASP H 54 -0.85 -9.94 14.22
C ASP H 54 -0.01 -11.19 14.59
N ALA H 55 1.06 -11.03 15.38
CA ALA H 55 1.77 -12.15 16.06
C ALA H 55 0.82 -12.73 17.09
N CYS H 56 0.99 -14.00 17.46
CA CYS H 56 0.01 -14.76 18.29
C CYS H 56 0.25 -14.42 19.77
#